data_9JEJ
#
_entry.id   9JEJ
#
_cell.length_a   96.342
_cell.length_b   96.342
_cell.length_c   136.256
_cell.angle_alpha   90.00
_cell.angle_beta   90.00
_cell.angle_gamma   90.00
#
_symmetry.space_group_name_H-M   'I 4 2 2'
#
loop_
_entity.id
_entity.type
_entity.pdbx_description
1 polymer 'Histone acetyltransferase p300'
2 non-polymer 'ZINC ION'
3 water water
#
_entity_poly.entity_id   1
_entity_poly.type   'polypeptide(L)'
_entity_poly.pdbx_seq_one_letter_code
;MRGSHHHHHHGMASGIRKQWHEDITQDLRNHLVHKLVQAIFPTPDPAALKDRRMENLVAYARKVEGDMYESANNRAEYYH
LLAEKIYKIQKECEEKRRTRL
;
_entity_poly.pdbx_strand_id   A,B,C
#
loop_
_chem_comp.id
_chem_comp.type
_chem_comp.name
_chem_comp.formula
ZN non-polymer 'ZINC ION' 'Zn 2'
#
# COMPACT_ATOMS: atom_id res chain seq x y z
N ILE A 16 25.16 -0.18 6.17
CA ILE A 16 25.49 1.25 6.23
C ILE A 16 24.25 2.10 5.94
N ARG A 17 24.06 3.14 6.75
CA ARG A 17 22.87 3.96 6.69
C ARG A 17 23.09 5.17 5.78
N LYS A 18 22.15 5.40 4.87
CA LYS A 18 22.19 6.54 3.97
C LYS A 18 21.25 7.63 4.47
N GLN A 19 21.30 8.78 3.80
CA GLN A 19 20.44 9.90 4.20
C GLN A 19 18.97 9.57 3.98
N TRP A 20 18.61 9.12 2.78
CA TRP A 20 17.20 8.89 2.46
C TRP A 20 16.57 7.80 3.33
N HIS A 21 17.38 6.90 3.91
CA HIS A 21 16.82 5.86 4.77
C HIS A 21 16.02 6.45 5.92
N GLU A 22 16.33 7.69 6.32
CA GLU A 22 15.58 8.35 7.38
C GLU A 22 14.11 8.54 7.01
N ASP A 23 13.80 8.57 5.72
CA ASP A 23 12.41 8.78 5.30
C ASP A 23 11.56 7.54 5.57
N ILE A 24 12.14 6.36 5.42
CA ILE A 24 11.38 5.12 5.47
C ILE A 24 11.42 4.56 6.88
N THR A 25 10.25 4.35 7.47
CA THR A 25 10.12 3.75 8.79
C THR A 25 10.12 2.23 8.69
N GLN A 26 10.35 1.59 9.84
CA GLN A 26 10.32 0.13 9.87
C GLN A 26 8.92 -0.41 9.66
N ASP A 27 7.89 0.34 10.09
CA ASP A 27 6.51 -0.07 9.80
C ASP A 27 6.24 -0.08 8.31
N LEU A 28 6.86 0.84 7.55
CA LEU A 28 6.70 0.82 6.11
C LEU A 28 7.45 -0.35 5.49
N ARG A 29 8.67 -0.63 5.99
CA ARG A 29 9.43 -1.76 5.48
C ARG A 29 8.69 -3.08 5.74
N ASN A 30 8.16 -3.25 6.95
CA ASN A 30 7.40 -4.45 7.25
C ASN A 30 6.17 -4.56 6.37
N HIS A 31 5.55 -3.43 6.03
CA HIS A 31 4.40 -3.47 5.14
C HIS A 31 4.80 -3.91 3.74
N LEU A 32 5.94 -3.42 3.24
CA LEU A 32 6.36 -3.77 1.89
C LEU A 32 6.92 -5.19 1.83
N VAL A 33 7.57 -5.64 2.91
CA VAL A 33 8.05 -7.02 2.95
C VAL A 33 6.87 -7.99 2.85
N HIS A 34 5.78 -7.69 3.56
CA HIS A 34 4.64 -8.58 3.56
C HIS A 34 3.78 -8.43 2.31
N LYS A 35 3.91 -7.31 1.60
CA LYS A 35 3.39 -7.26 0.24
C LYS A 35 4.22 -8.14 -0.69
N LEU A 36 5.50 -8.35 -0.36
CA LEU A 36 6.36 -9.22 -1.15
C LEU A 36 6.04 -10.68 -0.88
N VAL A 37 5.79 -11.03 0.38
CA VAL A 37 5.41 -12.41 0.70
C VAL A 37 4.12 -12.79 0.00
N GLN A 38 3.19 -11.83 -0.17
CA GLN A 38 1.98 -12.09 -0.93
C GLN A 38 2.29 -12.36 -2.40
N ALA A 39 3.42 -11.89 -2.90
CA ALA A 39 3.84 -12.11 -4.29
C ALA A 39 4.79 -13.29 -4.42
N ILE A 40 4.57 -14.35 -3.65
CA ILE A 40 5.36 -15.57 -3.77
C ILE A 40 4.44 -16.76 -4.03
N ARG A 53 7.36 -22.66 8.54
CA ARG A 53 7.36 -22.83 7.09
C ARG A 53 7.15 -21.50 6.39
N MET A 54 6.10 -20.78 6.82
CA MET A 54 5.91 -19.41 6.37
C MET A 54 7.06 -18.51 6.77
N GLU A 55 7.79 -18.87 7.83
CA GLU A 55 8.94 -18.08 8.25
C GLU A 55 10.00 -18.04 7.14
N ASN A 56 10.15 -19.14 6.40
CA ASN A 56 11.13 -19.19 5.33
C ASN A 56 10.81 -18.17 4.24
N LEU A 57 9.56 -18.17 3.77
CA LEU A 57 9.17 -17.21 2.73
C LEU A 57 9.33 -15.78 3.22
N VAL A 58 8.97 -15.52 4.48
CA VAL A 58 9.14 -14.18 5.04
C VAL A 58 10.62 -13.85 5.18
N ALA A 59 11.43 -14.83 5.59
CA ALA A 59 12.87 -14.63 5.62
C ALA A 59 13.41 -14.30 4.24
N TYR A 60 12.87 -14.95 3.21
CA TYR A 60 13.29 -14.67 1.84
C TYR A 60 12.94 -13.25 1.43
N ALA A 61 11.76 -12.76 1.82
CA ALA A 61 11.35 -11.42 1.42
C ALA A 61 12.16 -10.34 2.14
N ARG A 62 12.45 -10.55 3.43
CA ARG A 62 13.31 -9.61 4.14
C ARG A 62 14.68 -9.52 3.47
N LYS A 63 15.20 -10.65 2.99
CA LYS A 63 16.45 -10.64 2.24
C LYS A 63 16.31 -9.86 0.94
N VAL A 64 15.19 -10.06 0.24
CA VAL A 64 14.96 -9.36 -1.02
C VAL A 64 14.80 -7.86 -0.76
N GLU A 65 13.85 -7.50 0.11
CA GLU A 65 13.61 -6.09 0.40
C GLU A 65 14.85 -5.42 0.98
N GLY A 66 15.58 -6.13 1.85
CA GLY A 66 16.77 -5.56 2.44
C GLY A 66 17.81 -5.19 1.41
N ASP A 67 17.99 -6.05 0.40
CA ASP A 67 18.99 -5.78 -0.63
C ASP A 67 18.69 -4.49 -1.36
N MET A 68 17.45 -4.30 -1.79
CA MET A 68 17.09 -3.08 -2.50
C MET A 68 17.13 -1.87 -1.59
N TYR A 69 16.80 -2.04 -0.31
CA TYR A 69 16.90 -0.94 0.66
C TYR A 69 18.31 -0.37 0.69
N GLU A 70 19.32 -1.24 0.86
CA GLU A 70 20.70 -0.78 0.90
C GLU A 70 21.16 -0.32 -0.48
N SER A 71 20.78 -1.03 -1.54
CA SER A 71 21.31 -0.73 -2.87
C SER A 71 20.76 0.58 -3.42
N ALA A 72 19.52 0.93 -3.11
CA ALA A 72 18.90 2.10 -3.70
C ALA A 72 19.58 3.38 -3.21
N ASN A 73 19.54 4.42 -4.04
CA ASN A 73 20.09 5.73 -3.69
C ASN A 73 19.01 6.72 -3.28
N ASN A 74 17.73 6.38 -3.45
CA ASN A 74 16.64 7.24 -3.05
C ASN A 74 15.39 6.38 -2.90
N ARG A 75 14.28 7.03 -2.52
CA ARG A 75 13.03 6.32 -2.33
C ARG A 75 12.42 5.90 -3.67
N ALA A 76 12.41 6.80 -4.65
CA ALA A 76 11.81 6.47 -5.94
C ALA A 76 12.48 5.26 -6.57
N GLU A 77 13.82 5.21 -6.52
CA GLU A 77 14.53 4.04 -7.00
C GLU A 77 14.19 2.83 -6.15
N TYR A 78 14.07 3.02 -4.83
CA TYR A 78 13.67 1.94 -3.92
C TYR A 78 12.31 1.37 -4.29
N TYR A 79 11.33 2.24 -4.55
CA TYR A 79 10.02 1.77 -4.96
C TYR A 79 10.06 1.09 -6.33
N HIS A 80 10.93 1.55 -7.22
CA HIS A 80 11.04 0.91 -8.53
C HIS A 80 11.61 -0.50 -8.41
N LEU A 81 12.67 -0.68 -7.63
CA LEU A 81 13.25 -2.00 -7.43
C LEU A 81 12.22 -2.99 -6.89
N LEU A 82 11.36 -2.52 -6.00
CA LEU A 82 10.22 -3.33 -5.56
C LEU A 82 9.32 -3.62 -6.75
N ALA A 83 8.65 -2.58 -7.25
CA ALA A 83 7.74 -2.69 -8.38
C ALA A 83 8.29 -3.58 -9.50
N GLU A 84 9.55 -3.32 -9.90
CA GLU A 84 10.15 -4.10 -10.98
C GLU A 84 10.39 -5.55 -10.58
N LYS A 85 10.51 -5.84 -9.28
CA LYS A 85 10.70 -7.21 -8.85
C LYS A 85 9.41 -8.02 -8.90
N ILE A 86 8.29 -7.45 -8.42
CA ILE A 86 7.02 -8.15 -8.55
C ILE A 86 6.64 -8.34 -10.02
N TYR A 87 7.00 -7.38 -10.86
CA TYR A 87 6.70 -7.51 -12.28
C TYR A 87 7.45 -8.69 -12.91
N LYS A 88 8.71 -8.88 -12.52
CA LYS A 88 9.48 -10.00 -13.05
C LYS A 88 9.21 -11.30 -12.30
N ILE A 89 8.67 -11.23 -11.09
CA ILE A 89 8.16 -12.44 -10.44
C ILE A 89 6.88 -12.91 -11.13
N GLN A 90 6.01 -11.97 -11.50
CA GLN A 90 4.75 -12.24 -12.15
C GLN A 90 4.88 -12.42 -13.66
N LYS A 91 6.09 -12.64 -14.16
CA LYS A 91 6.33 -12.93 -15.57
C LYS A 91 6.90 -14.33 -15.79
N GLU A 92 7.88 -14.74 -14.99
CA GLU A 92 8.38 -16.12 -15.08
C GLU A 92 7.26 -17.10 -14.75
N CYS A 93 6.44 -16.78 -13.75
CA CYS A 93 5.31 -17.64 -13.41
C CYS A 93 4.30 -17.72 -14.54
N GLU A 94 4.20 -16.66 -15.35
CA GLU A 94 3.28 -16.69 -16.49
C GLU A 94 3.70 -17.72 -17.52
N GLU A 95 5.00 -17.92 -17.71
CA GLU A 95 5.49 -18.85 -18.71
C GLU A 95 6.06 -20.10 -18.05
N ILE B 16 -9.93 -9.95 21.87
CA ILE B 16 -8.72 -10.49 22.49
C ILE B 16 -7.48 -10.16 21.66
N ARG B 17 -6.45 -9.65 22.34
CA ARG B 17 -5.21 -9.26 21.67
C ARG B 17 -4.23 -10.41 21.60
N LYS B 18 -3.61 -10.57 20.44
CA LYS B 18 -2.57 -11.56 20.23
C LYS B 18 -1.21 -10.87 20.15
N GLN B 19 -0.16 -11.69 20.12
CA GLN B 19 1.19 -11.16 20.08
C GLN B 19 1.45 -10.37 18.80
N TRP B 20 1.21 -10.99 17.64
CA TRP B 20 1.51 -10.34 16.37
C TRP B 20 0.75 -9.04 16.17
N HIS B 21 -0.40 -8.87 16.85
CA HIS B 21 -1.16 -7.64 16.73
C HIS B 21 -0.32 -6.42 17.08
N GLU B 22 0.68 -6.60 17.95
CA GLU B 22 1.58 -5.50 18.30
C GLU B 22 2.33 -5.00 17.07
N ASP B 23 2.50 -5.84 16.06
CA ASP B 23 3.24 -5.43 14.88
C ASP B 23 2.47 -4.42 14.05
N ILE B 24 1.14 -4.53 14.03
CA ILE B 24 0.31 -3.75 13.12
C ILE B 24 -0.19 -2.52 13.88
N THR B 25 0.09 -1.34 13.33
CA THR B 25 -0.39 -0.09 13.88
C THR B 25 -1.80 0.20 13.38
N GLN B 26 -2.50 1.08 14.10
CA GLN B 26 -3.84 1.46 13.66
C GLN B 26 -3.81 2.26 12.37
N ASP B 27 -2.77 3.08 12.17
CA ASP B 27 -2.62 3.77 10.89
C ASP B 27 -2.56 2.78 9.74
N LEU B 28 -1.85 1.66 9.93
CA LEU B 28 -1.81 0.64 8.89
C LEU B 28 -3.18 0.00 8.71
N ARG B 29 -3.90 -0.27 9.80
CA ARG B 29 -5.24 -0.82 9.69
C ARG B 29 -6.16 0.13 8.94
N ASN B 30 -6.09 1.43 9.24
CA ASN B 30 -6.93 2.39 8.54
C ASN B 30 -6.57 2.46 7.07
N HIS B 31 -5.30 2.25 6.74
CA HIS B 31 -4.89 2.27 5.35
C HIS B 31 -5.45 1.06 4.59
N LEU B 32 -5.42 -0.11 5.24
CA LEU B 32 -5.92 -1.32 4.60
C LEU B 32 -7.43 -1.37 4.56
N VAL B 33 -8.09 -0.80 5.58
CA VAL B 33 -9.55 -0.71 5.56
C VAL B 33 -10.01 0.14 4.38
N HIS B 34 -9.28 1.21 4.08
CA HIS B 34 -9.69 2.10 3.01
C HIS B 34 -9.27 1.60 1.64
N LYS B 35 -8.26 0.73 1.57
CA LYS B 35 -8.07 -0.05 0.35
C LYS B 35 -9.24 -0.98 0.12
N LEU B 36 -9.83 -1.50 1.20
CA LEU B 36 -11.02 -2.34 1.08
C LEU B 36 -12.20 -1.56 0.51
N VAL B 37 -12.46 -0.38 1.07
CA VAL B 37 -13.56 0.46 0.56
C VAL B 37 -13.37 0.78 -0.91
N GLN B 38 -12.12 0.95 -1.35
CA GLN B 38 -11.86 1.15 -2.78
C GLN B 38 -12.19 -0.08 -3.62
N ALA B 39 -12.45 -1.23 -3.00
CA ALA B 39 -12.76 -2.46 -3.72
C ALA B 39 -14.21 -2.92 -3.50
N ILE B 40 -15.12 -1.96 -3.35
CA ILE B 40 -16.55 -2.26 -3.22
C ILE B 40 -17.30 -1.76 -4.44
N ARG B 53 -23.70 8.15 3.73
CA ARG B 53 -23.89 7.01 2.84
C ARG B 53 -22.59 6.22 2.67
N MET B 54 -21.48 6.95 2.51
CA MET B 54 -20.17 6.31 2.48
C MET B 54 -19.82 5.67 3.80
N GLU B 55 -20.43 6.12 4.91
CA GLU B 55 -20.16 5.53 6.21
C GLU B 55 -20.51 4.05 6.23
N ASN B 56 -21.63 3.68 5.60
CA ASN B 56 -22.05 2.28 5.57
C ASN B 56 -20.99 1.40 4.93
N LEU B 57 -20.47 1.82 3.77
CA LEU B 57 -19.45 1.04 3.09
C LEU B 57 -18.17 0.95 3.93
N VAL B 58 -17.76 2.06 4.54
CA VAL B 58 -16.61 2.05 5.43
C VAL B 58 -16.92 1.24 6.69
N ALA B 59 -18.17 1.27 7.15
CA ALA B 59 -18.57 0.39 8.25
C ALA B 59 -18.42 -1.07 7.87
N TYR B 60 -18.81 -1.41 6.64
CA TYR B 60 -18.68 -2.79 6.16
C TYR B 60 -17.21 -3.22 6.13
N ALA B 61 -16.31 -2.32 5.71
CA ALA B 61 -14.90 -2.67 5.60
C ALA B 61 -14.26 -2.87 6.97
N ARG B 62 -14.60 -2.02 7.94
CA ARG B 62 -14.05 -2.19 9.28
C ARG B 62 -14.44 -3.53 9.87
N LYS B 63 -15.63 -4.04 9.53
CA LYS B 63 -16.07 -5.34 10.01
C LYS B 63 -15.37 -6.47 9.29
N VAL B 64 -15.20 -6.34 7.97
CA VAL B 64 -14.45 -7.34 7.21
C VAL B 64 -13.01 -7.40 7.70
N GLU B 65 -12.31 -6.26 7.70
CA GLU B 65 -10.94 -6.23 8.17
C GLU B 65 -10.85 -6.63 9.63
N GLY B 66 -11.82 -6.21 10.45
CA GLY B 66 -11.80 -6.56 11.86
C GLY B 66 -11.84 -8.06 12.07
N ASP B 67 -12.64 -8.77 11.29
CA ASP B 67 -12.75 -10.22 11.43
C ASP B 67 -11.40 -10.89 11.20
N MET B 68 -10.74 -10.55 10.08
CA MET B 68 -9.48 -11.21 9.76
C MET B 68 -8.36 -10.80 10.70
N TYR B 69 -8.39 -9.56 11.19
CA TYR B 69 -7.41 -9.14 12.20
C TYR B 69 -7.43 -10.08 13.39
N GLU B 70 -8.62 -10.42 13.89
CA GLU B 70 -8.71 -11.30 15.05
C GLU B 70 -8.54 -12.77 14.67
N SER B 71 -9.06 -13.17 13.50
CA SER B 71 -8.99 -14.58 13.12
C SER B 71 -7.58 -15.00 12.73
N ALA B 72 -6.77 -14.09 12.19
CA ALA B 72 -5.45 -14.47 11.70
C ALA B 72 -4.52 -14.81 12.85
N ASN B 73 -3.54 -15.68 12.58
CA ASN B 73 -2.52 -16.07 13.55
C ASN B 73 -1.20 -15.34 13.34
N ASN B 74 -1.03 -14.65 12.22
CA ASN B 74 0.21 -13.92 11.95
C ASN B 74 -0.09 -12.84 10.92
N ARG B 75 0.91 -12.00 10.67
CA ARG B 75 0.76 -10.93 9.69
C ARG B 75 0.58 -11.51 8.29
N ALA B 76 1.40 -12.50 7.91
CA ALA B 76 1.34 -13.04 6.56
C ALA B 76 -0.05 -13.61 6.27
N GLU B 77 -0.62 -14.34 7.22
CA GLU B 77 -1.98 -14.85 7.06
C GLU B 77 -2.98 -13.71 7.03
N TYR B 78 -2.75 -12.67 7.85
CA TYR B 78 -3.57 -11.47 7.83
C TYR B 78 -3.57 -10.83 6.45
N TYR B 79 -2.39 -10.69 5.84
CA TYR B 79 -2.30 -10.13 4.50
C TYR B 79 -2.96 -11.04 3.47
N HIS B 80 -2.87 -12.35 3.66
CA HIS B 80 -3.49 -13.27 2.71
C HIS B 80 -5.01 -13.15 2.72
N LEU B 81 -5.62 -13.13 3.91
CA LEU B 81 -7.06 -12.95 4.01
C LEU B 81 -7.49 -11.65 3.35
N LEU B 82 -6.74 -10.57 3.59
CA LEU B 82 -6.97 -9.31 2.89
C LEU B 82 -6.87 -9.48 1.38
N ALA B 83 -5.80 -10.12 0.91
CA ALA B 83 -5.62 -10.32 -0.52
C ALA B 83 -6.66 -11.27 -1.09
N GLU B 84 -6.82 -12.44 -0.47
CA GLU B 84 -7.75 -13.44 -0.98
C GLU B 84 -9.17 -12.91 -1.03
N LYS B 85 -9.54 -12.00 -0.12
CA LYS B 85 -10.87 -11.41 -0.17
C LYS B 85 -11.06 -10.55 -1.41
N ILE B 86 -10.06 -9.72 -1.73
CA ILE B 86 -10.15 -8.89 -2.94
C ILE B 86 -10.30 -9.76 -4.17
N TYR B 87 -9.55 -10.87 -4.23
CA TYR B 87 -9.58 -11.72 -5.41
C TYR B 87 -10.95 -12.36 -5.60
N LYS B 88 -11.62 -12.71 -4.50
CA LYS B 88 -12.96 -13.30 -4.62
C LYS B 88 -14.03 -12.23 -4.78
N ILE B 89 -13.79 -11.01 -4.27
CA ILE B 89 -14.69 -9.90 -4.55
C ILE B 89 -14.58 -9.49 -6.01
N GLN B 90 -13.37 -9.50 -6.57
CA GLN B 90 -13.13 -9.13 -7.95
C GLN B 90 -13.35 -10.30 -8.91
N LYS B 91 -13.99 -11.37 -8.47
CA LYS B 91 -14.36 -12.47 -9.34
C LYS B 91 -15.87 -12.65 -9.47
N GLU B 92 -16.63 -12.48 -8.38
CA GLU B 92 -18.08 -12.48 -8.48
C GLU B 92 -18.56 -11.35 -9.38
N CYS B 93 -17.87 -10.21 -9.33
CA CYS B 93 -18.21 -9.09 -10.19
C CYS B 93 -17.87 -9.38 -11.65
N GLU B 94 -16.90 -10.24 -11.90
CA GLU B 94 -16.55 -10.59 -13.27
C GLU B 94 -17.67 -11.36 -13.95
N GLU B 95 -18.43 -12.14 -13.20
CA GLU B 95 -19.50 -12.94 -13.76
C GLU B 95 -20.87 -12.41 -13.35
N ILE C 16 -5.19 25.17 3.87
CA ILE C 16 -6.15 25.04 4.96
C ILE C 16 -6.33 23.58 5.36
N ARG C 17 -6.34 23.33 6.67
CA ARG C 17 -6.47 21.98 7.20
C ARG C 17 -7.92 21.68 7.57
N LYS C 18 -8.32 20.45 7.33
CA LYS C 18 -9.67 19.97 7.64
C LYS C 18 -9.59 18.96 8.78
N GLN C 19 -10.77 18.52 9.24
CA GLN C 19 -10.82 17.55 10.33
C GLN C 19 -10.18 16.23 9.92
N TRP C 20 -10.63 15.66 8.79
CA TRP C 20 -10.13 14.33 8.39
C TRP C 20 -8.64 14.32 8.10
N HIS C 21 -8.04 15.47 7.79
CA HIS C 21 -6.59 15.53 7.57
C HIS C 21 -5.81 14.99 8.76
N GLU C 22 -6.39 15.06 9.96
CA GLU C 22 -5.70 14.54 11.14
C GLU C 22 -5.50 13.04 11.05
N ASP C 23 -6.37 12.35 10.29
CA ASP C 23 -6.25 10.89 10.20
C ASP C 23 -5.05 10.47 9.38
N ILE C 24 -4.62 11.29 8.43
CA ILE C 24 -3.57 10.93 7.49
C ILE C 24 -2.24 11.47 8.01
N THR C 25 -1.24 10.60 8.09
CA THR C 25 0.10 11.01 8.48
C THR C 25 0.91 11.40 7.24
N GLN C 26 1.99 12.14 7.48
CA GLN C 26 2.87 12.49 6.38
C GLN C 26 3.62 11.27 5.86
N ASP C 27 3.89 10.29 6.72
CA ASP C 27 4.48 9.03 6.25
C ASP C 27 3.55 8.34 5.27
N LEU C 28 2.24 8.40 5.52
CA LEU C 28 1.28 7.81 4.59
C LEU C 28 1.25 8.59 3.29
N ARG C 29 1.22 9.93 3.36
CA ARG C 29 1.25 10.74 2.15
C ARG C 29 2.49 10.46 1.32
N ASN C 30 3.65 10.39 1.97
CA ASN C 30 4.88 10.08 1.24
C ASN C 30 4.78 8.71 0.56
N HIS C 31 4.08 7.77 1.20
CA HIS C 31 3.92 6.44 0.59
C HIS C 31 3.06 6.50 -0.65
N LEU C 32 1.93 7.22 -0.58
CA LEU C 32 1.03 7.30 -1.73
C LEU C 32 1.60 8.17 -2.83
N VAL C 33 2.44 9.15 -2.48
CA VAL C 33 3.08 9.98 -3.50
C VAL C 33 4.06 9.15 -4.31
N HIS C 34 4.79 8.25 -3.66
CA HIS C 34 5.77 7.44 -4.36
C HIS C 34 5.14 6.24 -5.04
N LYS C 35 3.90 5.90 -4.69
CA LYS C 35 3.12 5.04 -5.57
C LYS C 35 2.70 5.78 -6.83
N LEU C 36 2.44 7.09 -6.71
CA LEU C 36 2.12 7.91 -7.87
C LEU C 36 3.29 7.95 -8.84
N VAL C 37 4.50 8.23 -8.32
CA VAL C 37 5.68 8.27 -9.18
C VAL C 37 5.91 6.93 -9.87
N GLN C 38 5.58 5.81 -9.21
CA GLN C 38 5.69 4.52 -9.87
C GLN C 38 4.68 4.39 -11.01
N ALA C 39 3.57 5.13 -10.98
CA ALA C 39 2.55 5.08 -12.02
C ALA C 39 2.72 6.18 -13.05
N ILE C 40 3.95 6.66 -13.25
CA ILE C 40 4.23 7.68 -14.27
C ILE C 40 5.01 7.06 -15.41
N ARG C 53 16.55 14.91 -11.98
CA ARG C 53 15.62 14.56 -13.05
C ARG C 53 14.43 13.82 -12.48
N MET C 54 14.70 12.85 -11.61
CA MET C 54 13.63 12.21 -10.85
C MET C 54 12.90 13.20 -9.96
N GLU C 55 13.60 14.26 -9.54
CA GLU C 55 12.98 15.28 -8.71
C GLU C 55 11.78 15.92 -9.40
N ASN C 56 11.84 16.08 -10.72
CA ASN C 56 10.72 16.67 -11.45
C ASN C 56 9.48 15.79 -11.34
N LEU C 57 9.64 14.49 -11.56
CA LEU C 57 8.50 13.58 -11.50
C LEU C 57 7.91 13.51 -10.09
N VAL C 58 8.78 13.42 -9.08
CA VAL C 58 8.31 13.44 -7.70
C VAL C 58 7.71 14.80 -7.35
N ALA C 59 8.23 15.89 -7.93
CA ALA C 59 7.59 17.19 -7.77
C ALA C 59 6.19 17.18 -8.37
N TYR C 60 6.04 16.57 -9.54
CA TYR C 60 4.72 16.47 -10.17
C TYR C 60 3.74 15.70 -9.29
N ALA C 61 4.19 14.58 -8.70
CA ALA C 61 3.30 13.76 -7.88
C ALA C 61 2.87 14.48 -6.62
N ARG C 62 3.80 15.18 -5.96
CA ARG C 62 3.43 15.90 -4.75
C ARG C 62 2.34 16.93 -5.01
N LYS C 63 2.34 17.54 -6.20
CA LYS C 63 1.29 18.48 -6.55
C LYS C 63 -0.02 17.75 -6.85
N VAL C 64 0.04 16.63 -7.56
CA VAL C 64 -1.15 15.83 -7.81
C VAL C 64 -1.77 15.38 -6.50
N GLU C 65 -0.97 14.73 -5.64
CA GLU C 65 -1.49 14.25 -4.36
C GLU C 65 -1.91 15.41 -3.47
N GLY C 66 -1.13 16.50 -3.46
CA GLY C 66 -1.48 17.63 -2.62
C GLY C 66 -2.80 18.26 -3.01
N ASP C 67 -3.14 18.23 -4.30
CA ASP C 67 -4.42 18.75 -4.75
C ASP C 67 -5.57 17.90 -4.22
N MET C 68 -5.46 16.58 -4.39
CA MET C 68 -6.49 15.67 -3.92
C MET C 68 -6.61 15.72 -2.40
N TYR C 69 -5.47 15.81 -1.70
CA TYR C 69 -5.49 15.94 -0.24
C TYR C 69 -6.36 17.12 0.19
N GLU C 70 -6.13 18.29 -0.42
CA GLU C 70 -6.90 19.48 -0.02
C GLU C 70 -8.32 19.48 -0.57
N SER C 71 -8.54 18.92 -1.77
CA SER C 71 -9.87 18.95 -2.35
C SER C 71 -10.83 17.98 -1.66
N ALA C 72 -10.33 16.81 -1.26
CA ALA C 72 -11.20 15.77 -0.72
C ALA C 72 -11.85 16.23 0.59
N ASN C 73 -13.05 15.71 0.85
CA ASN C 73 -13.78 15.99 2.07
C ASN C 73 -13.69 14.87 3.10
N ASN C 74 -13.06 13.74 2.75
CA ASN C 74 -12.88 12.63 3.67
C ASN C 74 -11.81 11.72 3.09
N ARG C 75 -11.48 10.67 3.85
CA ARG C 75 -10.44 9.74 3.42
C ARG C 75 -10.90 8.91 2.22
N ALA C 76 -12.11 8.34 2.30
CA ALA C 76 -12.59 7.48 1.22
C ALA C 76 -12.60 8.22 -0.11
N GLU C 77 -13.01 9.49 -0.10
CA GLU C 77 -12.96 10.28 -1.32
C GLU C 77 -11.51 10.54 -1.74
N TYR C 78 -10.65 10.84 -0.76
CA TYR C 78 -9.22 11.00 -1.03
C TYR C 78 -8.64 9.76 -1.69
N TYR C 79 -8.93 8.58 -1.13
CA TYR C 79 -8.45 7.33 -1.72
C TYR C 79 -9.02 7.12 -3.11
N HIS C 80 -10.27 7.53 -3.34
CA HIS C 80 -10.86 7.39 -4.67
C HIS C 80 -10.14 8.29 -5.69
N LEU C 81 -9.83 9.52 -5.30
CA LEU C 81 -9.12 10.42 -6.20
C LEU C 81 -7.76 9.85 -6.59
N LEU C 82 -7.03 9.28 -5.63
CA LEU C 82 -5.81 8.56 -5.96
C LEU C 82 -6.09 7.46 -6.98
N ALA C 83 -7.02 6.57 -6.67
CA ALA C 83 -7.28 5.41 -7.51
C ALA C 83 -7.75 5.81 -8.89
N GLU C 84 -8.79 6.66 -8.95
CA GLU C 84 -9.34 7.04 -10.24
C GLU C 84 -8.31 7.75 -11.11
N LYS C 85 -7.33 8.41 -10.49
CA LYS C 85 -6.26 9.04 -11.27
C LYS C 85 -5.36 7.99 -11.91
N ILE C 86 -4.96 6.96 -11.16
CA ILE C 86 -4.15 5.89 -11.74
C ILE C 86 -4.89 5.22 -12.88
N TYR C 87 -6.21 5.11 -12.77
CA TYR C 87 -6.99 4.46 -13.81
C TYR C 87 -6.99 5.28 -15.09
N LYS C 88 -7.08 6.60 -14.97
CA LYS C 88 -7.06 7.46 -16.14
C LYS C 88 -5.63 7.75 -16.62
N ILE C 89 -4.63 7.51 -15.78
CA ILE C 89 -3.25 7.54 -16.26
C ILE C 89 -2.94 6.27 -17.05
N GLN C 90 -3.42 5.12 -16.56
CA GLN C 90 -3.23 3.83 -17.21
C GLN C 90 -4.27 3.54 -18.29
N LYS C 91 -4.98 4.56 -18.76
CA LYS C 91 -5.90 4.44 -19.88
C LYS C 91 -5.46 5.23 -21.11
N GLU C 92 -4.99 6.47 -20.93
CA GLU C 92 -4.43 7.21 -22.06
C GLU C 92 -3.21 6.49 -22.62
N CYS C 93 -2.41 5.89 -21.74
CA CYS C 93 -1.24 5.14 -22.19
C CYS C 93 -1.64 3.89 -22.97
N GLU C 94 -2.81 3.32 -22.68
CA GLU C 94 -3.27 2.17 -23.43
C GLU C 94 -3.57 2.54 -24.88
N GLU C 95 -3.93 3.78 -25.15
CA GLU C 95 -4.27 4.21 -26.50
C GLU C 95 -3.30 5.30 -26.97
ZN ZN D . -0.13 -0.29 -0.59
#